data_5D5L
#
_entry.id   5D5L
#
_cell.length_a   86.358
_cell.length_b   57.833
_cell.length_c   99.493
_cell.angle_alpha   90.000
_cell.angle_beta   107.640
_cell.angle_gamma   90.000
#
_symmetry.space_group_name_H-M   'P 1 21 1'
#
loop_
_entity.id
_entity.type
_entity.pdbx_description
1 polymer 'PreQ1-II riboswitch'
2 non-polymer 'CESIUM ION'
3 non-polymer 7-DEAZA-7-AMINOMETHYL-GUANINE
4 non-polymer 'MAGNESIUM ION'
5 water water
#
_entity_poly.entity_id   1
_entity_poly.type   'polyribonucleotide'
_entity_poly.pdbx_seq_one_letter_code
;(GTP)GAAGGCCGAAAGGUCUUCCACGACGAUACUUAUUUCCUUUGAUCGUCGUUAUUACUGGCUUCGGCCACAAAGGAG
A
;
_entity_poly.pdbx_strand_id   A,B,C,D
#
loop_
_chem_comp.id
_chem_comp.type
_chem_comp.name
_chem_comp.formula
A RNA linking ADENOSINE-5'-MONOPHOSPHATE 'C10 H14 N5 O7 P'
C RNA linking CYTIDINE-5'-MONOPHOSPHATE 'C9 H14 N3 O8 P'
CS non-polymer 'CESIUM ION' 'Cs 1'
G RNA linking GUANOSINE-5'-MONOPHOSPHATE 'C10 H14 N5 O8 P'
GTP non-polymer GUANOSINE-5'-TRIPHOSPHATE 'C10 H16 N5 O14 P3'
MG non-polymer 'MAGNESIUM ION' 'Mg 2'
PRF non-polymer 7-DEAZA-7-AMINOMETHYL-GUANINE 'C7 H9 N5 O'
U RNA linking URIDINE-5'-MONOPHOSPHATE 'C9 H13 N2 O9 P'
#
# COMPACT_ATOMS: atom_id res chain seq x y z
PG GTP A 1 7.86 -17.70 -16.55
O1G GTP A 1 7.46 -18.95 -17.29
O2G GTP A 1 8.82 -16.89 -17.40
O3G GTP A 1 6.66 -16.85 -16.24
O3B GTP A 1 8.65 -18.12 -15.20
PB GTP A 1 7.93 -18.29 -13.77
O1B GTP A 1 8.91 -17.89 -12.68
O2B GTP A 1 6.66 -17.47 -13.65
O3A GTP A 1 7.59 -19.87 -13.70
PA GTP A 1 8.72 -21.00 -13.50
O1A GTP A 1 10.10 -20.41 -13.37
O2A GTP A 1 8.66 -21.96 -14.66
O5' GTP A 1 8.32 -21.78 -12.14
C5' GTP A 1 7.26 -22.70 -12.12
C4' GTP A 1 6.48 -22.61 -10.81
O4' GTP A 1 7.34 -22.23 -9.74
C3' GTP A 1 5.37 -21.57 -10.83
O3' GTP A 1 4.15 -22.09 -11.32
C2' GTP A 1 5.28 -21.16 -9.38
O2' GTP A 1 4.35 -21.97 -8.70
C1' GTP A 1 6.68 -21.37 -8.84
N9 GTP A 1 7.41 -20.08 -8.81
C8 GTP A 1 8.60 -19.83 -9.42
N7 GTP A 1 8.95 -18.55 -9.18
C5 GTP A 1 7.99 -17.98 -8.40
C6 GTP A 1 7.86 -16.70 -7.88
O6 GTP A 1 8.71 -15.84 -8.07
N1 GTP A 1 6.75 -16.41 -7.11
C2 GTP A 1 5.80 -17.37 -6.87
N2 GTP A 1 4.74 -17.08 -6.13
N3 GTP A 1 5.94 -18.64 -7.41
C4 GTP A 1 7.02 -18.94 -8.16
H4' GTP A 1 6.04 -23.58 -10.59
H3' GTP A 1 5.69 -20.72 -11.42
H2' GTP A 1 5.00 -20.10 -9.30
HO2' GTP A 1 4.82 -22.51 -8.03
H1' GTP A 1 6.64 -21.81 -7.85
H8 GTP A 1 9.18 -20.54 -10.01
HN1 GTP A 1 6.62 -15.45 -6.73
HN21 GTP A 1 4.02 -17.78 -5.97
HN22 GTP A 1 4.63 -16.14 -5.74
PG GTP B 1 10.46 11.91 0.81
O1G GTP B 1 9.77 11.35 2.03
O2G GTP B 1 11.33 10.85 0.19
O3G GTP B 1 11.30 13.09 1.20
O3B GTP B 1 9.32 12.36 -0.24
PB GTP B 1 8.40 13.65 0.04
O1B GTP B 1 8.05 13.76 1.51
O2B GTP B 1 7.15 13.55 -0.80
O3A GTP B 1 9.31 14.92 -0.40
PA GTP B 1 9.60 15.35 -1.93
O1A GTP B 1 11.06 15.69 -2.10
O2A GTP B 1 9.20 14.27 -2.90
O5' GTP B 1 8.72 16.68 -2.17
C5' GTP B 1 8.96 17.84 -1.41
C4' GTP B 1 7.64 18.58 -1.12
O4' GTP B 1 6.70 18.28 -2.13
C3' GTP B 1 6.99 18.17 0.19
O3' GTP B 1 7.43 18.96 1.28
C2' GTP B 1 5.52 18.37 -0.08
O2' GTP B 1 5.12 19.67 0.28
C1' GTP B 1 5.39 18.16 -1.59
N9 GTP B 1 4.91 16.79 -1.86
C8 GTP B 1 5.54 15.85 -2.63
N7 GTP B 1 4.80 14.73 -2.64
C5 GTP B 1 3.69 14.93 -1.90
C6 GTP B 1 2.60 14.12 -1.60
O6 GTP B 1 2.55 12.97 -2.03
N1 GTP B 1 1.59 14.61 -0.79
C2 GTP B 1 1.66 15.90 -0.31
N2 GTP B 1 0.68 16.37 0.46
N3 GTP B 1 2.74 16.70 -0.61
C4 GTP B 1 3.73 16.22 -1.40
H4' GTP B 1 7.84 19.65 -1.09
H3' GTP B 1 7.19 17.12 0.38
H2' GTP B 1 4.94 17.62 0.45
HO2' GTP B 1 4.85 20.16 -0.52
H1' GTP B 1 4.72 18.90 -2.02
H8 GTP B 1 6.49 15.99 -3.14
HN1 GTP B 1 0.77 14.01 -0.58
HN21 GTP B 1 0.74 17.32 0.82
HN22 GTP B 1 -0.11 15.78 0.69
PG GTP C 1 -12.43 -10.90 -2.64
O1G GTP C 1 -11.40 -11.94 -2.27
O2G GTP C 1 -11.97 -9.53 -2.18
O3G GTP C 1 -13.75 -11.23 -1.98
O3B GTP C 1 -12.62 -10.92 -4.24
PB GTP C 1 -12.29 -12.23 -5.12
O1B GTP C 1 -10.82 -12.51 -5.15
O2B GTP C 1 -12.81 -12.01 -6.52
O3A GTP C 1 -13.10 -13.45 -4.42
PA GTP C 1 -14.67 -13.72 -4.66
O1A GTP C 1 -15.27 -14.35 -3.42
O2A GTP C 1 -15.39 -12.45 -5.02
O5' GTP C 1 -14.76 -14.79 -5.88
C5' GTP C 1 -14.24 -16.11 -5.73
C4' GTP C 1 -13.66 -16.60 -7.04
O4' GTP C 1 -14.18 -15.88 -8.14
C3' GTP C 1 -12.14 -16.43 -7.14
O3' GTP C 1 -11.43 -17.53 -6.62
C2' GTP C 1 -11.91 -16.27 -8.63
O2' GTP C 1 -11.57 -17.50 -9.22
C1' GTP C 1 -13.22 -15.73 -9.18
N9 GTP C 1 -13.08 -14.30 -9.50
C8 GTP C 1 -13.86 -13.28 -9.03
N7 GTP C 1 -13.41 -12.11 -9.56
C5 GTP C 1 -12.37 -12.38 -10.38
C6 GTP C 1 -11.56 -11.56 -11.16
O6 GTP C 1 -11.74 -10.36 -11.18
N1 GTP C 1 -10.54 -12.13 -11.90
C2 GTP C 1 -10.34 -13.50 -11.87
N2 GTP C 1 -9.36 -14.04 -12.58
N3 GTP C 1 -11.15 -14.29 -11.08
C4 GTP C 1 -12.15 -13.75 -10.36
H4' GTP C 1 -13.89 -17.66 -7.15
H3' GTP C 1 -11.86 -15.52 -6.64
H2' GTP C 1 -11.12 -15.54 -8.79
HO2' GTP C 1 -12.27 -17.77 -9.85
H1' GTP C 1 -13.51 -16.30 -10.05
H8 GTP C 1 -14.70 -13.38 -8.34
HN1 GTP C 1 -9.98 -11.54 -12.54
HN21 GTP C 1 -9.20 -15.04 -12.56
HN22 GTP C 1 -8.76 -13.45 -13.16
PG GTP D 1 -8.33 19.25 16.67
O1G GTP D 1 -9.26 19.93 17.64
O2G GTP D 1 -7.99 20.20 15.55
O3G GTP D 1 -9.00 18.01 16.11
O3B GTP D 1 -7.00 18.83 17.47
PB GTP D 1 -5.55 19.31 16.96
O1B GTP D 1 -4.49 18.69 17.83
O2B GTP D 1 -5.32 18.97 15.50
O3A GTP D 1 -5.56 20.93 17.16
PA GTP D 1 -5.52 21.63 18.61
O1A GTP D 1 -5.91 20.66 19.69
O2A GTP D 1 -6.43 22.83 18.62
O5' GTP D 1 -3.99 22.11 18.79
C5' GTP D 1 -3.42 23.07 17.93
C4' GTP D 1 -1.96 22.73 17.64
O4' GTP D 1 -1.40 21.95 18.69
C3' GTP D 1 -1.78 21.91 16.39
O3' GTP D 1 -1.66 22.72 15.23
C2' GTP D 1 -0.52 21.12 16.66
O2' GTP D 1 0.62 21.79 16.15
C1' GTP D 1 -0.46 21.02 18.18
N9 GTP D 1 -0.86 19.65 18.57
C8 GTP D 1 -1.92 19.33 19.38
N7 GTP D 1 -1.97 17.98 19.51
C5 GTP D 1 -0.95 17.44 18.81
C6 GTP D 1 -0.55 16.13 18.62
O6 GTP D 1 -1.17 15.20 19.14
N1 GTP D 1 0.56 15.87 17.83
C2 GTP D 1 1.25 16.90 17.25
N2 GTP D 1 2.31 16.64 16.50
N3 GTP D 1 0.84 18.20 17.45
C4 GTP D 1 -0.24 18.48 18.22
H4' GTP D 1 -1.40 23.66 17.55
H3' GTP D 1 -2.61 21.22 16.28
H2' GTP D 1 -0.60 20.13 16.23
HO2' GTP D 1 1.20 22.05 16.88
H1' GTP D 1 0.54 21.24 18.53
H8 GTP D 1 -2.61 20.04 19.84
HN1 GTP D 1 0.91 14.89 17.74
HN21 GTP D 1 2.82 17.42 16.06
HN22 GTP D 1 2.61 15.69 16.35
CS CS E . 5.62 -21.35 -15.70
CS CS F . 6.54 -14.09 -21.79
CS CS G . 12.53 -6.55 -19.97
CS CS H . 19.22 -6.03 7.77
CS CS I . 11.57 -17.94 -38.33
CS CS J . 9.13 -31.97 -3.07
CS CS K . 5.27 -28.27 -2.84
CS CS L . 21.17 -21.37 -7.20
CS CS M . 3.06 -22.96 21.16
CS CS N . 23.64 -16.74 31.41
CS CS O . 5.17 -32.19 12.65
CS CS P . 23.61 -7.93 5.88
CS CS Q . 28.96 -22.52 21.54
CS CS R . 8.03 -24.09 3.06
CS CS S . 22.91 -27.51 10.84
CS CS T . -3.05 -29.25 5.65
N1 PRF U . 13.65 -13.84 16.99
C2 PRF U . 13.98 -15.11 16.49
N3 PRF U . 13.03 -16.09 16.30
C4 PRF U . 11.69 -15.84 16.58
C5 PRF U . 11.30 -14.55 17.09
C6 PRF U . 12.33 -13.54 17.28
O6 PRF U . 12.00 -12.30 17.76
C7 PRF U . 9.86 -14.60 17.28
C10 PRF U . 9.00 -13.49 17.79
N11 PRF U . 8.72 -13.72 19.21
C8 PRF U . 9.44 -15.88 16.90
N9 PRF U . 10.54 -16.61 16.48
N2 PRF U . 15.36 -15.42 16.19
H91 PRF U . 14.30 -13.21 17.11
H101 PRF U . 8.18 -13.47 17.29
H102 PRF U . 9.47 -12.64 17.69
H111 PRF U . 7.82 -13.81 19.32
H112 PRF U . 9.03 -13.02 19.70
H81 PRF U . 8.53 -16.20 16.92
HN91 PRF U . 10.51 -17.47 16.18
HN21 PRF U . 15.58 -16.25 15.88
HN22 PRF U . 16.00 -14.79 16.28
MG MG V . 14.15 -23.85 6.57
MG MG W . 14.37 -28.39 -10.35
MG MG X . 17.00 -31.68 2.47
MG MG Y . 16.20 -22.08 24.91
MG MG Z . 13.03 -32.80 -1.38
MG MG AA . 12.14 -19.86 -12.46
CS CS BA . 13.34 7.73 4.88
CS CS CA . 30.52 3.35 4.89
CS CS DA . -21.43 35.54 -13.23
CS CS EA . 5.06 28.10 -9.77
CS CS FA . 2.77 26.82 -5.01
CS CS GA . -21.32 30.61 -9.09
CS CS HA . -7.97 3.02 -15.28
CS CS IA . 11.04 16.30 1.71
N1 PRF JA . -19.50 17.16 -14.13
C2 PRF JA . -18.46 17.95 -14.68
N3 PRF JA . -18.09 19.14 -14.11
C4 PRF JA . -18.70 19.62 -12.95
C5 PRF JA . -19.77 18.86 -12.36
C6 PRF JA . -20.15 17.59 -12.98
O6 PRF JA . -21.16 16.82 -12.45
C7 PRF JA . -20.20 19.60 -11.19
C10 PRF JA . -21.29 19.20 -10.24
N11 PRF JA . -22.53 19.90 -10.57
C8 PRF JA . -19.43 20.75 -11.14
N9 PRF JA . -18.54 20.76 -12.19
N2 PRF JA . -17.79 17.50 -15.87
H91 PRF JA . -19.73 16.38 -14.53
H101 PRF JA . -21.45 18.24 -10.30
H102 PRF JA . -21.03 19.43 -9.34
H111 PRF JA . -22.78 20.41 -9.87
H112 PRF JA . -23.18 19.29 -10.76
H81 PRF JA . -19.50 21.44 -10.46
HN91 PRF JA . -17.93 21.41 -12.35
HN21 PRF JA . -18.02 16.70 -16.24
HN22 PRF JA . -17.15 18.02 -16.26
MG MG KA . 31.02 1.48 8.82
MG MG LA . -22.68 25.67 -21.66
MG MG MA . -8.95 20.90 -7.60
CS CS NA . -9.19 -7.50 2.30
CS CS OA . -14.59 -6.10 18.94
CS CS PA . -34.00 -5.41 -41.65
N1 PRF QA . -16.20 -6.66 -36.64
C2 PRF QA . -17.32 -7.38 -36.16
N3 PRF QA . -17.26 -8.73 -35.90
C4 PRF QA . -16.08 -9.45 -36.11
C5 PRF QA . -14.93 -8.76 -36.61
C6 PRF QA . -15.01 -7.32 -36.87
O6 PRF QA . -13.92 -6.64 -37.34
C7 PRF QA . -13.88 -9.75 -36.71
C10 PRF QA . -12.49 -9.51 -37.20
N11 PRF QA . -12.51 -9.11 -38.59
C8 PRF QA . -14.42 -10.96 -36.31
N9 PRF QA . -15.74 -10.78 -35.94
N2 PRF QA . -18.56 -6.68 -35.93
H91 PRF QA . -16.27 -5.77 -36.80
H101 PRF QA . -12.06 -8.82 -36.65
H102 PRF QA . -11.97 -10.34 -37.13
H111 PRF QA . -12.14 -8.28 -38.67
H112 PRF QA . -12.05 -9.71 -39.10
H81 PRF QA . -13.95 -11.82 -36.28
HN91 PRF QA . -16.29 -11.43 -35.64
HN21 PRF QA . -19.29 -7.13 -35.65
HN22 PRF QA . -18.60 -5.78 -36.07
MG MG RA . -11.08 -5.44 21.38
MG MG SA . -9.04 -13.17 -5.06
MG MG TA . -7.90 -2.30 14.15
CS CS UA . -29.53 23.57 12.92
CS CS VA . -13.28 16.85 12.92
CS CS WA . -15.18 8.43 17.40
CS CS XA . 23.95 26.38 27.73
CS CS YA . -6.64 22.73 15.10
N1 PRF ZA . 19.75 6.72 32.24
C2 PRF ZA . 19.41 7.98 32.76
N3 PRF ZA . 19.80 9.15 32.16
C4 PRF ZA . 20.57 9.13 30.98
C5 PRF ZA . 20.93 7.87 30.42
C6 PRF ZA . 20.50 6.64 31.08
O6 PRF ZA . 20.84 5.42 30.57
C7 PRF ZA . 21.71 8.15 29.24
C10 PRF ZA . 22.33 7.14 28.32
N11 PRF ZA . 23.76 7.15 28.50
C8 PRF ZA . 21.78 9.54 29.13
N9 PRF ZA . 21.10 10.12 30.17
N2 PRF ZA . 18.61 8.05 33.97
H91 PRF ZA . 19.47 5.96 32.66
H101 PRF ZA . 21.98 6.25 28.53
H102 PRF ZA . 22.11 7.35 27.39
H111 PRF ZA . 24.16 7.38 27.72
H112 PRF ZA . 24.05 6.32 28.76
H81 PRF ZA . 22.25 10.03 28.42
HN91 PRF ZA . 21.01 11.01 30.30
HN21 PRF ZA . 18.41 8.86 34.33
HN22 PRF ZA . 18.33 7.28 34.36
MG MG AB . -31.45 22.16 9.12
MG MG BB . -26.35 14.93 9.90
MG MG CB . 7.01 29.66 25.21
#